data_3SLS
#
_entry.id   3SLS
#
_cell.length_a   47.502
_cell.length_b   153.890
_cell.length_c   48.209
_cell.angle_alpha   90.00
_cell.angle_beta   101.48
_cell.angle_gamma   90.00
#
_symmetry.space_group_name_H-M   'P 1 21 1'
#
loop_
_entity.id
_entity.type
_entity.pdbx_description
1 polymer 'Dual specificity mitogen-activated protein kinase kinase 1'
2 non-polymer 'PHOSPHOAMINOPHOSPHONIC ACID-ADENYLATE ESTER'
3 non-polymer 'MAGNESIUM ION'
4 non-polymer 2-[(2-fluoro-4-iodophenyl)amino]-5,5-dimethyl-8-oxo-N-[(3R)-piperidin-3-yl]-5,6,7,8-tetrahydro-4H-thieno[2,3-c]azepine-3-carboxamide
5 water water
#
_entity_poly.entity_id   1
_entity_poly.type   'polypeptide(L)'
_entity_poly.pdbx_seq_one_letter_code
;MTLQQRKRLEAFLTQKQKVGELKDDDFEKISELGAGNGGVVFKVSHKPSGLVMARKLIHLEIKPAIRNQIIRELQVLHEC
NSPYIVGFYGAFYSDGEISICMEHMDGGSLDQVLKKAGRIPEQILGKVSIAVIKGLTYLREKHKIMHRDVKPSNILVNSR
GEIKLCDFGVSGQLIDSMANSFVGTRSYMSPERLQGTHYSVQSDIWSMGLSLVEMAVGRYPIGSGSGSMAIFELLDYIVN
EPPPKLPSGVFSLEFQDFVNKCLIKNPAERADLKQLMVHAFIKRSDAEEVDFAGWLCSTIGLNQ
;
_entity_poly.pdbx_strand_id   A,B
#
# COMPACT_ATOMS: atom_id res chain seq x y z
N MET A 1 -9.73 -31.65 17.76
CA MET A 1 -8.99 -32.52 16.81
C MET A 1 -9.37 -34.00 16.93
N THR A 2 -9.58 -34.65 15.79
CA THR A 2 -9.72 -36.09 15.74
C THR A 2 -8.35 -36.74 15.98
N LEU A 3 -8.37 -38.01 16.39
CA LEU A 3 -7.14 -38.79 16.61
C LEU A 3 -6.28 -38.85 15.35
N GLN A 4 -6.93 -38.99 14.19
CA GLN A 4 -6.24 -39.06 12.90
C GLN A 4 -5.58 -37.73 12.53
N GLN A 5 -6.26 -36.61 12.82
CA GLN A 5 -5.70 -35.27 12.66
C GLN A 5 -4.51 -35.07 13.59
N ARG A 6 -4.71 -35.46 14.84
CA ARG A 6 -3.66 -35.46 15.85
C ARG A 6 -2.43 -36.24 15.37
N LYS A 7 -2.68 -37.41 14.78
CA LYS A 7 -1.60 -38.28 14.28
C LYS A 7 -0.92 -37.76 13.02
N ARG A 8 -1.70 -37.23 12.09
CA ARG A 8 -1.17 -36.70 10.83
C ARG A 8 -0.20 -35.54 11.06
N LEU A 9 -0.52 -34.74 12.09
CA LEU A 9 0.29 -33.63 12.54
C LEU A 9 1.56 -34.13 13.21
N GLU A 10 1.43 -35.20 14.00
CA GLU A 10 2.57 -35.90 14.61
C GLU A 10 3.56 -36.29 13.51
N ALA A 11 3.02 -36.99 12.52
CA ALA A 11 3.78 -37.54 11.40
C ALA A 11 4.55 -36.48 10.61
N PHE A 12 3.96 -35.28 10.49
CA PHE A 12 4.59 -34.18 9.77
C PHE A 12 5.77 -33.57 10.53
N LEU A 13 5.57 -33.34 11.82
CA LEU A 13 6.57 -32.70 12.69
C LEU A 13 7.83 -33.52 12.89
N THR A 14 7.76 -34.83 12.64
CA THR A 14 8.94 -35.67 12.81
C THR A 14 9.90 -35.54 11.62
N GLN A 15 9.37 -35.59 10.41
CA GLN A 15 10.22 -35.46 9.22
C GLN A 15 10.57 -34.02 8.88
N LYS A 16 9.86 -33.07 9.50
CA LYS A 16 10.29 -31.68 9.48
C LYS A 16 11.63 -31.56 10.21
N GLN A 17 11.80 -32.35 11.28
CA GLN A 17 13.05 -32.40 12.02
CA GLN A 17 13.06 -32.44 12.03
C GLN A 17 14.17 -33.03 11.18
N LYS A 18 13.79 -33.94 10.30
CA LYS A 18 14.72 -34.58 9.35
C LYS A 18 15.09 -33.61 8.23
N VAL A 19 15.09 -32.32 8.56
CA VAL A 19 15.41 -31.24 7.63
C VAL A 19 16.32 -30.25 8.38
N GLY A 20 17.45 -29.92 7.77
CA GLY A 20 18.37 -28.94 8.35
C GLY A 20 18.12 -27.55 7.80
N GLU A 21 19.11 -26.67 7.90
CA GLU A 21 19.05 -25.37 7.26
C GLU A 21 18.95 -25.57 5.75
N LEU A 22 18.17 -24.71 5.10
CA LEU A 22 17.92 -24.85 3.67
C LEU A 22 18.79 -23.89 2.87
N LYS A 23 19.28 -24.35 1.73
CA LYS A 23 20.08 -23.55 0.82
C LYS A 23 19.66 -23.84 -0.62
N ASP A 24 19.92 -22.89 -1.52
CA ASP A 24 19.54 -22.99 -2.93
C ASP A 24 20.08 -24.28 -3.57
N ASP A 25 21.33 -24.61 -3.25
CA ASP A 25 22.02 -25.80 -3.76
C ASP A 25 21.28 -27.12 -3.50
N ASP A 26 20.62 -27.23 -2.34
CA ASP A 26 20.00 -28.49 -1.90
C ASP A 26 18.65 -28.79 -2.57
N PHE A 27 18.13 -27.83 -3.33
CA PHE A 27 16.83 -27.98 -3.99
C PHE A 27 16.95 -28.36 -5.47
N GLU A 28 16.03 -29.22 -5.90
CA GLU A 28 15.96 -29.67 -7.28
C GLU A 28 14.52 -29.50 -7.80
N LYS A 29 14.38 -28.74 -8.89
CA LYS A 29 13.06 -28.46 -9.49
C LYS A 29 12.43 -29.70 -10.08
N ILE A 30 11.13 -29.86 -9.83
CA ILE A 30 10.35 -30.94 -10.40
C ILE A 30 9.38 -30.35 -11.43
N SER A 31 8.49 -29.47 -10.97
CA SER A 31 7.52 -28.79 -11.84
C SER A 31 7.13 -27.43 -11.28
N GLU A 32 6.38 -26.67 -12.08
CA GLU A 32 5.88 -25.37 -11.67
C GLU A 32 4.40 -25.44 -11.29
N LEU A 33 4.09 -25.02 -10.06
CA LEU A 33 2.73 -25.13 -9.53
C LEU A 33 1.85 -23.94 -9.93
N GLY A 34 2.48 -22.83 -10.27
CA GLY A 34 1.79 -21.65 -10.78
C GLY A 34 2.50 -20.38 -10.37
N ALA A 35 1.84 -19.23 -10.61
CA ALA A 35 2.33 -17.94 -10.13
C ALA A 35 1.16 -17.05 -9.70
N GLY A 36 1.46 -15.84 -9.20
CA GLY A 36 0.44 -14.93 -8.70
C GLY A 36 0.83 -13.45 -8.68
N ASN A 37 0.75 -12.83 -7.50
CA ASN A 37 0.88 -11.38 -7.35
C ASN A 37 2.30 -10.84 -7.28
N GLY A 38 3.28 -11.69 -7.60
CA GLY A 38 4.69 -11.36 -7.41
C GLY A 38 5.37 -12.51 -6.68
N GLY A 39 4.83 -13.71 -6.91
CA GLY A 39 5.36 -14.94 -6.33
C GLY A 39 5.29 -16.07 -7.34
N VAL A 40 6.35 -16.85 -7.39
CA VAL A 40 6.41 -18.02 -8.25
C VAL A 40 6.54 -19.24 -7.35
N VAL A 41 5.70 -20.25 -7.60
CA VAL A 41 5.69 -21.45 -6.76
C VAL A 41 6.16 -22.63 -7.60
N PHE A 42 7.10 -23.39 -7.05
CA PHE A 42 7.69 -24.54 -7.71
C PHE A 42 7.55 -25.78 -6.85
N LYS A 43 7.16 -26.89 -7.47
CA LYS A 43 7.25 -28.19 -6.83
C LYS A 43 8.74 -28.54 -6.86
N VAL A 44 9.31 -28.78 -5.68
CA VAL A 44 10.75 -29.02 -5.54
C VAL A 44 11.05 -30.31 -4.81
N SER A 45 12.25 -30.84 -5.04
CA SER A 45 12.78 -31.94 -4.26
C SER A 45 13.97 -31.43 -3.46
N HIS A 46 13.91 -31.63 -2.15
CA HIS A 46 14.99 -31.25 -1.25
C HIS A 46 15.83 -32.49 -1.01
N LYS A 47 17.02 -32.54 -1.63
CA LYS A 47 17.82 -33.78 -1.70
C LYS A 47 18.25 -34.38 -0.35
N PRO A 48 18.80 -33.55 0.58
CA PRO A 48 19.24 -34.07 1.88
C PRO A 48 18.20 -34.92 2.62
N SER A 49 16.92 -34.54 2.50
CA SER A 49 15.81 -35.33 3.05
C SER A 49 15.12 -36.18 1.99
N GLY A 50 15.23 -35.78 0.72
CA GLY A 50 14.49 -36.41 -0.38
C GLY A 50 13.03 -36.00 -0.39
N LEU A 51 12.68 -35.09 0.52
CA LEU A 51 11.33 -34.58 0.71
C LEU A 51 10.82 -33.72 -0.43
N VAL A 52 9.56 -33.96 -0.79
CA VAL A 52 8.81 -33.14 -1.72
C VAL A 52 8.30 -31.91 -0.94
N MET A 53 8.55 -30.72 -1.50
CA MET A 53 8.10 -29.48 -0.90
C MET A 53 7.54 -28.57 -1.98
N ALA A 54 6.80 -27.55 -1.54
CA ALA A 54 6.44 -26.45 -2.41
C ALA A 54 7.32 -25.28 -2.00
N ARG A 55 7.91 -24.63 -3.00
CA ARG A 55 8.78 -23.50 -2.74
C ARG A 55 8.26 -22.24 -3.43
N LYS A 56 7.98 -21.23 -2.62
CA LYS A 56 7.51 -19.95 -3.15
C LYS A 56 8.65 -18.95 -3.19
N LEU A 57 8.83 -18.31 -4.35
CA LEU A 57 9.88 -17.32 -4.55
C LEU A 57 9.28 -15.92 -4.60
N ILE A 58 9.69 -15.08 -3.67
CA ILE A 58 9.19 -13.71 -3.60
C ILE A 58 10.33 -12.74 -3.87
N HIS A 59 10.25 -12.06 -5.00
CA HIS A 59 11.24 -11.04 -5.34
C HIS A 59 10.95 -9.75 -4.55
N LEU A 60 11.62 -9.62 -3.41
CA LEU A 60 11.52 -8.42 -2.61
C LEU A 60 12.75 -7.56 -2.88
N GLU A 61 12.55 -6.50 -3.66
CA GLU A 61 13.64 -5.60 -4.05
C GLU A 61 14.30 -4.90 -2.86
N ILE A 62 15.63 -5.01 -2.80
CA ILE A 62 16.47 -4.46 -1.73
C ILE A 62 16.49 -5.32 -0.47
N LYS A 63 17.71 -5.51 0.06
CA LYS A 63 17.94 -6.06 1.40
C LYS A 63 18.10 -4.84 2.35
N PRO A 64 19.06 -4.87 3.31
CA PRO A 64 19.78 -5.97 3.96
C PRO A 64 19.21 -6.27 5.35
N ALA A 65 19.13 -5.23 6.18
CA ALA A 65 18.48 -5.27 7.49
C ALA A 65 16.99 -5.58 7.42
N ILE A 66 16.35 -5.12 6.34
CA ILE A 66 14.93 -5.35 6.12
C ILE A 66 14.63 -6.79 5.73
N ARG A 67 15.53 -7.42 4.98
CA ARG A 67 15.38 -8.82 4.57
C ARG A 67 15.61 -9.81 5.71
N ASN A 68 16.54 -9.49 6.62
CA ASN A 68 16.84 -10.41 7.72
C ASN A 68 15.82 -10.35 8.85
N GLN A 69 15.07 -9.26 8.93
CA GLN A 69 13.98 -9.18 9.88
C GLN A 69 12.75 -9.93 9.36
N ILE A 70 12.60 -9.95 8.04
CA ILE A 70 11.52 -10.68 7.38
C ILE A 70 11.66 -12.18 7.63
N ILE A 71 12.87 -12.71 7.45
CA ILE A 71 13.15 -14.13 7.67
C ILE A 71 12.98 -14.55 9.14
N ARG A 72 13.28 -13.63 10.05
CA ARG A 72 13.17 -13.94 11.48
C ARG A 72 11.72 -13.91 11.96
N GLU A 73 10.92 -13.03 11.36
CA GLU A 73 9.48 -13.03 11.63
C GLU A 73 8.78 -14.24 11.01
N LEU A 74 9.28 -14.69 9.86
CA LEU A 74 8.81 -15.92 9.21
C LEU A 74 9.02 -17.18 10.05
N GLN A 75 9.82 -17.07 11.10
CA GLN A 75 10.15 -18.22 11.93
C GLN A 75 9.01 -18.65 12.84
N VAL A 76 8.07 -17.74 13.10
CA VAL A 76 6.84 -18.08 13.83
C VAL A 76 6.06 -19.19 13.11
N LEU A 77 6.21 -19.28 11.79
CA LEU A 77 5.51 -20.30 11.01
C LEU A 77 5.86 -21.72 11.45
N HIS A 78 7.01 -21.88 12.12
CA HIS A 78 7.40 -23.15 12.72
C HIS A 78 6.41 -23.54 13.82
N GLU A 79 5.84 -22.53 14.47
CA GLU A 79 4.90 -22.73 15.56
C GLU A 79 3.44 -22.88 15.11
N CYS A 80 3.15 -22.56 13.85
CA CYS A 80 1.81 -22.70 13.29
C CYS A 80 1.57 -24.15 12.90
N ASN A 81 0.99 -24.92 13.83
CA ASN A 81 0.78 -26.34 13.62
C ASN A 81 -0.67 -26.75 13.86
N SER A 82 -1.39 -26.99 12.76
CA SER A 82 -2.85 -27.18 12.74
C SER A 82 -3.27 -27.96 11.49
N PRO A 83 -4.30 -28.82 11.61
CA PRO A 83 -4.79 -29.54 10.43
C PRO A 83 -5.47 -28.62 9.39
N TYR A 84 -5.66 -27.35 9.75
CA TYR A 84 -6.26 -26.36 8.85
C TYR A 84 -5.26 -25.30 8.36
N ILE A 85 -3.97 -25.51 8.64
CA ILE A 85 -2.88 -24.64 8.19
C ILE A 85 -1.86 -25.48 7.45
N VAL A 86 -1.33 -24.94 6.34
CA VAL A 86 -0.32 -25.62 5.53
C VAL A 86 1.02 -25.65 6.29
N GLY A 87 1.69 -26.81 6.24
CA GLY A 87 2.93 -26.99 6.98
C GLY A 87 4.09 -26.17 6.46
N PHE A 88 4.85 -25.57 7.38
CA PHE A 88 6.03 -24.77 7.04
C PHE A 88 7.33 -25.56 7.22
N TYR A 89 8.24 -25.46 6.24
CA TYR A 89 9.56 -26.09 6.34
C TYR A 89 10.66 -25.10 6.70
N GLY A 90 10.68 -23.94 6.03
CA GLY A 90 11.68 -22.91 6.30
C GLY A 90 11.70 -21.78 5.29
N ALA A 91 12.51 -20.77 5.57
CA ALA A 91 12.62 -19.60 4.70
C ALA A 91 14.04 -19.03 4.66
N PHE A 92 14.46 -18.62 3.46
CA PHE A 92 15.78 -18.01 3.26
C PHE A 92 15.77 -16.92 2.17
N TYR A 93 16.91 -16.25 2.02
CA TYR A 93 17.11 -15.29 0.94
C TYR A 93 18.14 -15.88 -0.04
N SER A 94 17.97 -15.59 -1.32
CA SER A 94 18.83 -16.13 -2.38
C SER A 94 18.54 -15.43 -3.70
N ASP A 95 19.59 -14.94 -4.36
CA ASP A 95 19.49 -14.32 -5.70
C ASP A 95 18.43 -13.22 -5.82
N GLY A 96 18.33 -12.39 -4.78
CA GLY A 96 17.37 -11.28 -4.74
C GLY A 96 15.92 -11.70 -4.53
N GLU A 97 15.72 -12.90 -3.98
CA GLU A 97 14.38 -13.48 -3.81
C GLU A 97 14.24 -14.26 -2.50
N ILE A 98 13.21 -13.92 -1.71
CA ILE A 98 12.87 -14.69 -0.53
C ILE A 98 12.15 -15.98 -0.93
N SER A 99 12.59 -17.09 -0.36
CA SER A 99 12.00 -18.39 -0.60
C SER A 99 11.28 -18.87 0.65
N ILE A 100 9.98 -19.14 0.52
CA ILE A 100 9.23 -19.80 1.58
C ILE A 100 8.97 -21.22 1.14
N CYS A 101 9.43 -22.16 1.94
CA CYS A 101 9.28 -23.57 1.65
C CYS A 101 8.24 -24.16 2.57
N MET A 102 7.30 -24.88 1.98
CA MET A 102 6.16 -25.36 2.71
C MET A 102 5.78 -26.74 2.25
N GLU A 103 4.84 -27.34 2.98
CA GLU A 103 4.25 -28.60 2.62
C GLU A 103 3.62 -28.52 1.24
N HIS A 104 3.92 -29.50 0.41
CA HIS A 104 3.31 -29.60 -0.91
C HIS A 104 1.90 -30.21 -0.80
N MET A 105 0.95 -29.54 -1.45
CA MET A 105 -0.45 -29.93 -1.42
C MET A 105 -0.85 -30.40 -2.81
N ASP A 106 -1.10 -31.70 -2.98
CA ASP A 106 -1.18 -32.30 -4.33
C ASP A 106 -2.46 -31.98 -5.13
N GLY A 107 -3.50 -31.58 -4.42
CA GLY A 107 -4.73 -31.08 -5.06
C GLY A 107 -4.65 -29.63 -5.52
N GLY A 108 -3.62 -28.92 -5.06
CA GLY A 108 -3.44 -27.51 -5.41
C GLY A 108 -4.38 -26.61 -4.62
N SER A 109 -4.71 -25.46 -5.19
CA SER A 109 -5.64 -24.54 -4.56
C SER A 109 -7.06 -24.74 -5.07
N LEU A 110 -8.04 -24.24 -4.31
CA LEU A 110 -9.43 -24.33 -4.69
C LEU A 110 -9.73 -23.49 -5.94
N ASP A 111 -8.88 -22.52 -6.23
CA ASP A 111 -8.86 -21.79 -7.49
C ASP A 111 -8.64 -22.73 -8.69
N GLN A 112 -7.65 -23.61 -8.58
CA GLN A 112 -7.35 -24.59 -9.61
C GLN A 112 -8.41 -25.67 -9.69
N VAL A 113 -8.88 -26.12 -8.53
CA VAL A 113 -9.94 -27.11 -8.44
C VAL A 113 -11.25 -26.61 -9.07
N LEU A 114 -11.58 -25.34 -8.85
CA LEU A 114 -12.79 -24.72 -9.41
C LEU A 114 -12.75 -24.69 -10.94
N LYS A 115 -11.61 -24.26 -11.48
CA LYS A 115 -11.33 -24.24 -12.91
C LYS A 115 -11.55 -25.62 -13.57
N LYS A 116 -11.36 -26.67 -12.78
CA LYS A 116 -11.56 -28.05 -13.24
C LYS A 116 -13.00 -28.51 -13.06
N ALA A 117 -13.57 -28.26 -11.89
CA ALA A 117 -14.92 -28.71 -11.53
C ALA A 117 -16.04 -27.89 -12.16
N GLY A 118 -15.73 -26.67 -12.59
CA GLY A 118 -16.75 -25.75 -13.07
C GLY A 118 -17.41 -25.01 -11.93
N ARG A 119 -17.94 -25.77 -10.98
CA ARG A 119 -18.43 -25.20 -9.72
C ARG A 119 -18.36 -26.27 -8.64
N ILE A 120 -18.22 -25.84 -7.38
CA ILE A 120 -18.03 -26.75 -6.26
C ILE A 120 -19.33 -26.92 -5.45
N PRO A 121 -19.80 -28.17 -5.31
CA PRO A 121 -21.11 -28.48 -4.68
C PRO A 121 -21.27 -27.87 -3.29
N GLU A 122 -22.51 -27.52 -2.94
CA GLU A 122 -22.79 -26.86 -1.66
C GLU A 122 -22.34 -27.65 -0.43
N GLN A 123 -22.51 -28.97 -0.47
CA GLN A 123 -22.11 -29.82 0.65
C GLN A 123 -20.60 -29.87 0.83
N ILE A 124 -19.87 -29.75 -0.28
CA ILE A 124 -18.41 -29.67 -0.24
C ILE A 124 -17.97 -28.33 0.37
N LEU A 125 -18.66 -27.25 0.00
CA LEU A 125 -18.40 -25.91 0.51
C LEU A 125 -18.72 -25.76 1.99
N GLY A 126 -19.54 -26.65 2.52
CA GLY A 126 -19.74 -26.74 3.96
C GLY A 126 -18.49 -27.25 4.66
N LYS A 127 -17.84 -28.24 4.07
CA LYS A 127 -16.59 -28.78 4.60
C LYS A 127 -15.47 -27.74 4.48
N VAL A 128 -15.43 -27.04 3.35
CA VAL A 128 -14.49 -25.93 3.12
C VAL A 128 -14.66 -24.80 4.14
N SER A 129 -15.92 -24.45 4.43
CA SER A 129 -16.26 -23.35 5.37
C SER A 129 -15.84 -23.67 6.80
N ILE A 130 -16.14 -24.89 7.23
CA ILE A 130 -15.74 -25.38 8.56
C ILE A 130 -14.22 -25.32 8.70
N ALA A 131 -13.50 -25.80 7.69
CA ALA A 131 -12.03 -25.74 7.65
C ALA A 131 -11.47 -24.31 7.66
N VAL A 132 -12.01 -23.44 6.82
CA VAL A 132 -11.57 -22.03 6.78
C VAL A 132 -11.81 -21.36 8.12
N ILE A 133 -13.01 -21.53 8.69
CA ILE A 133 -13.32 -20.93 9.99
C ILE A 133 -12.36 -21.42 11.07
N LYS A 134 -12.15 -22.73 11.10
CA LYS A 134 -11.30 -23.33 12.12
C LYS A 134 -9.85 -22.88 11.99
N GLY A 135 -9.38 -22.74 10.75
CA GLY A 135 -8.05 -22.22 10.45
C GLY A 135 -7.87 -20.76 10.84
N LEU A 136 -8.91 -19.96 10.62
CA LEU A 136 -8.91 -18.55 11.02
C LEU A 136 -9.00 -18.38 12.52
N THR A 137 -9.79 -19.24 13.16
CA THR A 137 -9.87 -19.35 14.62
C THR A 137 -8.52 -19.73 15.25
N TYR A 138 -7.85 -20.73 14.66
CA TYR A 138 -6.54 -21.17 15.13
C TYR A 138 -5.50 -20.05 15.06
N LEU A 139 -5.47 -19.35 13.93
CA LEU A 139 -4.50 -18.26 13.72
C LEU A 139 -4.74 -17.13 14.70
N ARG A 140 -6.01 -16.85 15.00
CA ARG A 140 -6.34 -15.79 15.96
C ARG A 140 -5.98 -16.16 17.41
N GLU A 141 -6.51 -17.31 17.87
CA GLU A 141 -6.37 -17.75 19.26
C GLU A 141 -4.92 -18.05 19.66
N LYS A 142 -4.21 -18.81 18.82
CA LYS A 142 -2.89 -19.33 19.15
C LYS A 142 -1.75 -18.39 18.79
N HIS A 143 -2.00 -17.50 17.82
CA HIS A 143 -0.92 -16.65 17.33
C HIS A 143 -1.29 -15.16 17.23
N LYS A 144 -2.54 -14.82 17.54
CA LYS A 144 -3.08 -13.47 17.31
C LYS A 144 -2.76 -13.00 15.88
N ILE A 145 -2.87 -13.92 14.93
CA ILE A 145 -2.60 -13.61 13.52
C ILE A 145 -3.94 -13.50 12.80
N MET A 146 -4.10 -12.42 12.05
CA MET A 146 -5.16 -12.39 11.05
C MET A 146 -4.56 -12.70 9.70
N HIS A 147 -5.37 -13.31 8.84
CA HIS A 147 -4.89 -13.86 7.58
C HIS A 147 -4.55 -12.74 6.59
N ARG A 148 -5.56 -11.93 6.26
CA ARG A 148 -5.42 -10.78 5.34
C ARG A 148 -5.38 -11.13 3.85
N ASP A 149 -5.41 -12.42 3.52
CA ASP A 149 -5.32 -12.83 2.12
C ASP A 149 -6.13 -14.09 1.84
N VAL A 150 -7.34 -14.16 2.41
CA VAL A 150 -8.26 -15.26 2.13
C VAL A 150 -8.85 -15.09 0.72
N LYS A 151 -8.73 -16.15 -0.07
CA LYS A 151 -9.25 -16.27 -1.42
C LYS A 151 -9.09 -17.73 -1.86
N PRO A 152 -9.76 -18.16 -2.94
CA PRO A 152 -9.66 -19.57 -3.39
C PRO A 152 -8.22 -20.07 -3.65
N SER A 153 -7.33 -19.22 -4.14
CA SER A 153 -5.94 -19.63 -4.41
C SER A 153 -5.12 -19.87 -3.14
N ASN A 154 -5.66 -19.43 -1.99
CA ASN A 154 -5.00 -19.58 -0.70
C ASN A 154 -5.66 -20.62 0.24
N ILE A 155 -6.59 -21.39 -0.32
CA ILE A 155 -7.18 -22.54 0.34
C ILE A 155 -6.70 -23.76 -0.42
N LEU A 156 -5.84 -24.56 0.21
CA LEU A 156 -5.20 -25.70 -0.46
C LEU A 156 -5.78 -27.02 -0.02
N VAL A 157 -5.76 -27.98 -0.94
CA VAL A 157 -6.34 -29.30 -0.73
C VAL A 157 -5.38 -30.41 -1.18
N ASN A 158 -5.59 -31.61 -0.64
CA ASN A 158 -4.75 -32.75 -0.99
C ASN A 158 -5.55 -34.06 -1.14
N SER A 159 -4.87 -35.09 -1.63
CA SER A 159 -5.47 -36.43 -1.83
C SER A 159 -5.88 -37.17 -0.54
N ARG A 160 -5.62 -36.56 0.61
CA ARG A 160 -6.04 -37.13 1.89
C ARG A 160 -7.30 -36.41 2.40
N GLY A 161 -7.80 -35.46 1.63
CA GLY A 161 -9.05 -34.77 1.93
C GLY A 161 -8.87 -33.66 2.95
N GLU A 162 -7.65 -33.15 3.04
CA GLU A 162 -7.34 -32.05 3.95
C GLU A 162 -7.55 -30.70 3.29
N ILE A 163 -8.09 -29.75 4.05
CA ILE A 163 -8.36 -28.40 3.58
C ILE A 163 -7.61 -27.43 4.48
N LYS A 164 -6.71 -26.64 3.89
CA LYS A 164 -5.72 -25.90 4.65
C LYS A 164 -5.56 -24.47 4.12
N LEU A 165 -5.31 -23.55 5.05
CA LEU A 165 -5.02 -22.17 4.69
C LEU A 165 -3.54 -21.92 4.57
N CYS A 166 -3.20 -21.07 3.61
CA CYS A 166 -1.82 -20.63 3.43
CA CYS A 166 -1.84 -20.65 3.37
C CYS A 166 -1.76 -19.15 3.10
N ASP A 167 -0.53 -18.65 2.94
CA ASP A 167 -0.25 -17.24 2.59
C ASP A 167 -0.89 -16.20 3.51
N PHE A 168 -0.81 -16.47 4.80
CA PHE A 168 -1.16 -15.49 5.83
C PHE A 168 0.10 -14.74 6.28
N GLY A 169 0.03 -13.42 6.25
CA GLY A 169 1.18 -12.57 6.58
C GLY A 169 1.60 -12.67 8.04
N VAL A 170 2.91 -12.57 8.26
CA VAL A 170 3.45 -12.67 9.61
C VAL A 170 4.46 -11.53 9.90
N SER A 171 4.68 -10.65 8.93
CA SER A 171 5.67 -9.58 9.04
C SER A 171 5.14 -8.17 9.37
N GLY A 172 3.84 -8.06 9.61
CA GLY A 172 3.25 -6.79 10.04
C GLY A 172 2.45 -6.11 8.96
N GLN A 173 3.07 -5.13 8.30
CA GLN A 173 2.44 -4.36 7.23
C GLN A 173 3.44 -3.38 6.61
N LEU A 174 3.96 -3.63 5.40
CA LEU A 174 3.81 -4.84 4.57
C LEU A 174 2.39 -5.36 4.21
N ILE A 175 1.37 -4.59 4.55
CA ILE A 175 -0.02 -4.94 4.26
C ILE A 175 -0.76 -3.70 3.74
N PHE A 182 -4.96 -1.75 -5.92
CA PHE A 182 -5.19 -3.02 -6.57
C PHE A 182 -4.34 -3.12 -7.84
N VAL A 183 -3.38 -4.05 -7.84
CA VAL A 183 -2.43 -4.19 -8.95
C VAL A 183 -2.94 -5.23 -9.96
N GLY A 184 -4.09 -5.82 -9.66
CA GLY A 184 -4.65 -6.88 -10.47
C GLY A 184 -6.00 -6.53 -11.07
N THR A 185 -6.80 -7.57 -11.27
CA THR A 185 -8.06 -7.49 -12.00
C THR A 185 -9.27 -7.86 -11.11
N ARG A 186 -8.98 -8.38 -9.92
CA ARG A 186 -10.00 -8.84 -8.96
C ARG A 186 -9.58 -8.49 -7.54
N SER A 187 -10.55 -8.40 -6.64
CA SER A 187 -10.24 -8.10 -5.24
C SER A 187 -11.12 -8.88 -4.26
N TYR A 188 -10.48 -9.39 -3.19
CA TYR A 188 -11.16 -10.09 -2.11
C TYR A 188 -11.15 -9.26 -0.82
N MET A 189 -10.70 -8.01 -0.95
CA MET A 189 -10.68 -7.05 0.15
C MET A 189 -12.08 -6.54 0.48
N SER A 190 -12.38 -6.51 1.78
CA SER A 190 -13.67 -6.04 2.30
C SER A 190 -13.86 -4.54 2.03
N PRO A 191 -15.13 -4.06 2.10
CA PRO A 191 -15.36 -2.64 1.84
C PRO A 191 -14.58 -1.73 2.80
N GLU A 192 -14.48 -2.14 4.06
CA GLU A 192 -13.78 -1.37 5.10
C GLU A 192 -12.26 -1.34 4.91
N ARG A 193 -11.68 -2.44 4.43
CA ARG A 193 -10.26 -2.48 4.05
C ARG A 193 -9.93 -1.59 2.87
N LEU A 194 -10.85 -1.55 1.90
CA LEU A 194 -10.69 -0.65 0.76
C LEU A 194 -10.76 0.83 1.15
N GLN A 195 -11.46 1.13 2.24
CA GLN A 195 -11.69 2.47 2.76
C GLN A 195 -10.52 3.01 3.58
N GLY A 196 -9.56 2.12 3.85
CA GLY A 196 -8.43 2.48 4.69
C GLY A 196 -8.78 2.41 6.16
N THR A 197 -10.07 2.17 6.45
CA THR A 197 -10.55 2.01 7.81
C THR A 197 -9.70 0.95 8.53
N HIS A 198 -9.63 1.05 9.86
CA HIS A 198 -9.15 -0.05 10.67
C HIS A 198 -9.92 -1.32 10.25
N TYR A 199 -9.35 -2.48 10.51
CA TYR A 199 -9.98 -3.72 10.12
C TYR A 199 -9.45 -4.85 10.96
N SER A 200 -10.20 -5.94 10.97
CA SER A 200 -9.88 -7.07 11.83
C SER A 200 -10.16 -8.35 11.05
N VAL A 201 -10.29 -9.45 11.77
CA VAL A 201 -10.70 -10.74 11.22
C VAL A 201 -12.05 -10.69 10.53
N GLN A 202 -12.85 -9.65 10.80
CA GLN A 202 -14.11 -9.45 10.09
C GLN A 202 -13.86 -9.31 8.59
N SER A 203 -12.71 -8.74 8.24
CA SER A 203 -12.27 -8.57 6.86
C SER A 203 -12.02 -9.93 6.19
N ASP A 204 -11.47 -10.88 6.94
CA ASP A 204 -11.26 -12.24 6.43
C ASP A 204 -12.55 -13.02 6.23
N ILE A 205 -13.55 -12.73 7.08
CA ILE A 205 -14.88 -13.31 6.94
C ILE A 205 -15.55 -12.87 5.65
N TRP A 206 -15.42 -11.59 5.30
CA TRP A 206 -15.95 -11.08 4.03
C TRP A 206 -15.27 -11.79 2.85
N SER A 207 -13.93 -11.90 2.92
CA SER A 207 -13.11 -12.62 1.93
C SER A 207 -13.54 -14.07 1.77
N MET A 208 -13.83 -14.73 2.89
CA MET A 208 -14.33 -16.11 2.90
C MET A 208 -15.70 -16.17 2.25
N GLY A 209 -16.58 -15.24 2.62
CA GLY A 209 -17.94 -15.17 2.06
C GLY A 209 -17.95 -15.02 0.55
N LEU A 210 -17.16 -14.06 0.07
CA LEU A 210 -16.96 -13.82 -1.36
C LEU A 210 -16.39 -15.03 -2.10
N SER A 211 -15.38 -15.65 -1.51
CA SER A 211 -14.73 -16.85 -2.06
C SER A 211 -15.71 -17.99 -2.21
N LEU A 212 -16.55 -18.19 -1.21
CA LEU A 212 -17.63 -19.19 -1.24
C LEU A 212 -18.64 -18.99 -2.36
N VAL A 213 -19.08 -17.74 -2.56
CA VAL A 213 -19.99 -17.40 -3.66
C VAL A 213 -19.31 -17.63 -5.02
N GLU A 214 -18.00 -17.35 -5.11
CA GLU A 214 -17.27 -17.60 -6.35
C GLU A 214 -17.18 -19.10 -6.68
N MET A 215 -17.01 -19.92 -5.65
CA MET A 215 -16.87 -21.34 -5.85
C MET A 215 -18.21 -22.05 -6.09
N ALA A 216 -19.26 -21.58 -5.42
CA ALA A 216 -20.64 -22.06 -5.66
C ALA A 216 -21.14 -21.81 -7.08
N VAL A 217 -20.86 -20.62 -7.63
CA VAL A 217 -21.40 -20.24 -8.94
C VAL A 217 -20.41 -20.42 -10.11
N GLY A 218 -19.12 -20.57 -9.80
CA GLY A 218 -18.13 -20.91 -10.81
C GLY A 218 -17.39 -19.73 -11.38
N ARG A 219 -17.62 -18.56 -10.79
CA ARG A 219 -17.15 -17.30 -11.36
C ARG A 219 -17.01 -16.26 -10.25
N TYR A 220 -16.06 -15.35 -10.41
CA TYR A 220 -15.95 -14.20 -9.53
C TYR A 220 -17.24 -13.38 -9.66
N PRO A 221 -17.99 -13.23 -8.55
CA PRO A 221 -19.40 -12.85 -8.55
C PRO A 221 -19.73 -11.36 -8.63
N ILE A 222 -18.73 -10.50 -8.70
CA ILE A 222 -18.97 -9.07 -8.87
C ILE A 222 -18.50 -8.67 -10.26
N GLY A 223 -19.40 -8.35 -11.21
CA GLY A 223 -20.87 -8.49 -11.09
C GLY A 223 -21.58 -7.57 -10.09
N ALA A 230 -12.73 -2.90 -15.16
CA ALA A 230 -11.58 -2.09 -14.76
C ALA A 230 -11.46 -2.15 -13.26
N ILE A 231 -10.22 -2.20 -12.76
CA ILE A 231 -9.96 -2.47 -11.35
C ILE A 231 -10.63 -1.47 -10.39
N PHE A 232 -10.43 -0.17 -10.62
CA PHE A 232 -11.00 0.86 -9.75
C PHE A 232 -12.51 1.00 -9.88
N GLU A 233 -13.07 0.61 -11.03
CA GLU A 233 -14.53 0.53 -11.15
C GLU A 233 -15.05 -0.60 -10.23
N LEU A 234 -14.36 -1.73 -10.26
CA LEU A 234 -14.68 -2.87 -9.41
C LEU A 234 -14.58 -2.54 -7.92
N LEU A 235 -13.51 -1.86 -7.51
CA LEU A 235 -13.35 -1.46 -6.11
C LEU A 235 -14.44 -0.50 -5.65
N ASP A 236 -14.75 0.50 -6.48
CA ASP A 236 -15.87 1.40 -6.23
C ASP A 236 -17.21 0.67 -6.03
N TYR A 237 -17.40 -0.40 -6.80
CA TYR A 237 -18.61 -1.19 -6.70
C TYR A 237 -18.70 -1.96 -5.36
N ILE A 238 -17.57 -2.51 -4.91
CA ILE A 238 -17.51 -3.25 -3.65
C ILE A 238 -17.85 -2.31 -2.49
N VAL A 239 -17.27 -1.12 -2.54
CA VAL A 239 -17.44 -0.10 -1.52
C VAL A 239 -18.88 0.42 -1.45
N ASN A 240 -19.46 0.69 -2.61
CA ASN A 240 -20.72 1.46 -2.72
C ASN A 240 -22.01 0.72 -3.01
N GLU A 241 -21.91 -0.47 -3.61
CA GLU A 241 -23.10 -1.21 -4.04
C GLU A 241 -23.39 -2.42 -3.16
N PRO A 242 -24.60 -3.00 -3.29
CA PRO A 242 -24.94 -4.18 -2.47
C PRO A 242 -23.98 -5.36 -2.69
N PRO A 243 -23.74 -6.16 -1.63
CA PRO A 243 -22.86 -7.33 -1.73
C PRO A 243 -23.43 -8.40 -2.66
N PRO A 244 -22.58 -9.29 -3.17
CA PRO A 244 -23.09 -10.37 -4.01
C PRO A 244 -23.89 -11.36 -3.18
N LYS A 245 -24.73 -12.15 -3.85
CA LYS A 245 -25.50 -13.17 -3.17
C LYS A 245 -25.55 -14.41 -4.05
N LEU A 246 -25.86 -15.55 -3.44
CA LEU A 246 -26.17 -16.76 -4.20
C LEU A 246 -27.53 -16.62 -4.93
N PRO A 247 -27.68 -17.29 -6.09
CA PRO A 247 -29.00 -17.33 -6.73
C PRO A 247 -29.99 -18.18 -5.91
N SER A 248 -31.24 -17.73 -5.87
CA SER A 248 -32.29 -18.45 -5.15
C SER A 248 -32.73 -19.71 -5.90
N GLY A 249 -33.23 -20.70 -5.16
CA GLY A 249 -33.77 -21.90 -5.75
C GLY A 249 -32.79 -23.06 -5.83
N VAL A 250 -31.54 -22.78 -6.22
CA VAL A 250 -30.52 -23.83 -6.38
C VAL A 250 -29.63 -24.11 -5.14
N PHE A 251 -29.73 -23.26 -4.12
CA PHE A 251 -28.93 -23.42 -2.91
C PHE A 251 -29.82 -23.34 -1.69
N SER A 252 -29.45 -24.05 -0.63
CA SER A 252 -30.25 -24.09 0.57
C SER A 252 -30.36 -22.72 1.23
N LEU A 253 -31.53 -22.44 1.81
CA LEU A 253 -31.80 -21.17 2.47
C LEU A 253 -30.73 -20.82 3.50
N GLU A 254 -30.23 -21.84 4.19
CA GLU A 254 -29.20 -21.68 5.22
C GLU A 254 -27.80 -21.39 4.67
N PHE A 255 -27.50 -21.86 3.47
CA PHE A 255 -26.25 -21.54 2.80
C PHE A 255 -26.31 -20.08 2.33
N GLN A 256 -27.47 -19.70 1.79
CA GLN A 256 -27.74 -18.32 1.37
C GLN A 256 -27.65 -17.37 2.53
N ASP A 257 -28.20 -17.78 3.68
CA ASP A 257 -28.14 -16.96 4.88
C ASP A 257 -26.73 -16.92 5.44
N PHE A 258 -25.98 -18.01 5.25
CA PHE A 258 -24.60 -18.10 5.77
C PHE A 258 -23.64 -17.12 5.05
N VAL A 259 -23.62 -17.16 3.73
CA VAL A 259 -22.84 -16.20 2.94
C VAL A 259 -23.34 -14.75 3.08
N ASN A 260 -24.66 -14.55 3.11
CA ASN A 260 -25.24 -13.23 3.37
C ASN A 260 -24.69 -12.58 4.64
N LYS A 261 -24.60 -13.38 5.71
CA LYS A 261 -24.06 -12.94 6.99
C LYS A 261 -22.56 -12.66 6.98
N CYS A 262 -21.83 -13.33 6.07
CA CYS A 262 -20.41 -13.07 5.82
C CYS A 262 -20.20 -11.82 4.99
N LEU A 263 -21.21 -11.48 4.19
CA LEU A 263 -21.12 -10.41 3.21
C LEU A 263 -21.83 -9.11 3.60
N ILE A 264 -22.30 -9.00 4.85
CA ILE A 264 -22.81 -7.75 5.38
C ILE A 264 -21.66 -6.73 5.36
N LYS A 265 -21.92 -5.53 4.84
CA LYS A 265 -20.85 -4.58 4.53
C LYS A 265 -20.30 -3.85 5.75
N ASN A 266 -21.15 -3.69 6.75
CA ASN A 266 -20.74 -3.19 8.06
C ASN A 266 -20.02 -4.31 8.77
N PRO A 267 -18.69 -4.18 8.96
CA PRO A 267 -17.92 -5.28 9.56
C PRO A 267 -18.38 -5.63 10.97
N ALA A 268 -18.98 -4.66 11.66
CA ALA A 268 -19.50 -4.84 13.00
C ALA A 268 -20.85 -5.57 13.07
N GLU A 269 -21.69 -5.45 12.03
CA GLU A 269 -22.92 -6.22 11.95
CA GLU A 269 -22.93 -6.20 11.92
C GLU A 269 -22.74 -7.55 11.21
N ARG A 270 -21.65 -7.66 10.44
CA ARG A 270 -21.24 -8.92 9.81
C ARG A 270 -20.97 -9.99 10.89
N ALA A 271 -21.30 -11.24 10.58
CA ALA A 271 -21.10 -12.36 11.50
C ALA A 271 -19.62 -12.52 11.88
N ASP A 272 -19.37 -12.90 13.14
CA ASP A 272 -18.01 -13.19 13.63
C ASP A 272 -17.76 -14.70 13.66
N LEU A 273 -16.50 -15.10 13.91
CA LEU A 273 -16.11 -16.52 13.85
C LEU A 273 -16.96 -17.40 14.78
N LYS A 274 -17.13 -16.92 16.01
CA LYS A 274 -17.98 -17.58 17.01
C LYS A 274 -19.41 -17.80 16.49
N GLN A 275 -20.03 -16.76 15.94
CA GLN A 275 -21.38 -16.87 15.40
C GLN A 275 -21.52 -17.82 14.22
N LEU A 276 -20.55 -17.80 13.31
CA LEU A 276 -20.59 -18.63 12.11
C LEU A 276 -20.46 -20.11 12.43
N MET A 277 -19.62 -20.42 13.43
CA MET A 277 -19.34 -21.80 13.81
C MET A 277 -20.57 -22.50 14.40
N VAL A 278 -21.47 -21.72 14.99
CA VAL A 278 -22.76 -22.25 15.47
C VAL A 278 -23.92 -21.96 14.51
N HIS A 279 -23.61 -21.44 13.33
CA HIS A 279 -24.63 -21.17 12.31
C HIS A 279 -25.22 -22.46 11.76
N ALA A 280 -26.51 -22.40 11.43
CA ALA A 280 -27.29 -23.53 10.91
C ALA A 280 -26.67 -24.25 9.72
N PHE A 281 -25.93 -23.53 8.89
CA PHE A 281 -25.26 -24.14 7.73
C PHE A 281 -24.07 -24.98 8.20
N ILE A 282 -23.36 -24.49 9.20
CA ILE A 282 -22.18 -25.16 9.74
C ILE A 282 -22.62 -26.36 10.61
N LYS A 283 -23.64 -26.15 11.43
CA LYS A 283 -24.23 -27.24 12.20
C LYS A 283 -24.65 -28.40 11.31
N ARG A 284 -25.42 -28.11 10.26
CA ARG A 284 -25.87 -29.12 9.29
C ARG A 284 -24.70 -29.81 8.57
N SER A 285 -23.74 -29.01 8.08
CA SER A 285 -22.60 -29.53 7.33
C SER A 285 -21.69 -30.43 8.15
N ASP A 286 -21.53 -30.09 9.43
CA ASP A 286 -20.64 -30.82 10.33
C ASP A 286 -21.14 -32.22 10.65
N ALA A 287 -22.46 -32.39 10.58
CA ALA A 287 -23.12 -33.66 10.87
C ALA A 287 -23.26 -34.51 9.61
N GLU A 288 -22.93 -33.93 8.46
CA GLU A 288 -23.07 -34.62 7.20
C GLU A 288 -21.82 -35.42 6.89
N GLU A 289 -22.00 -36.71 6.65
CA GLU A 289 -20.89 -37.53 6.16
C GLU A 289 -20.80 -37.23 4.67
N VAL A 290 -19.82 -36.42 4.32
CA VAL A 290 -19.54 -36.07 2.94
C VAL A 290 -18.12 -36.54 2.67
N ASP A 291 -17.98 -37.40 1.67
CA ASP A 291 -16.67 -37.88 1.27
C ASP A 291 -16.00 -36.82 0.38
N PHE A 292 -15.36 -35.84 1.03
CA PHE A 292 -14.69 -34.75 0.32
C PHE A 292 -13.49 -35.25 -0.47
N ALA A 293 -12.69 -36.11 0.17
CA ALA A 293 -11.49 -36.67 -0.48
C ALA A 293 -11.84 -37.40 -1.77
N GLY A 294 -12.87 -38.24 -1.72
CA GLY A 294 -13.36 -38.94 -2.90
C GLY A 294 -13.83 -37.99 -3.97
N TRP A 295 -14.60 -36.97 -3.56
CA TRP A 295 -15.05 -35.92 -4.47
C TRP A 295 -13.84 -35.29 -5.18
N LEU A 296 -12.86 -34.84 -4.40
CA LEU A 296 -11.68 -34.16 -4.95
C LEU A 296 -10.86 -35.04 -5.88
N CYS A 297 -10.55 -36.25 -5.42
CA CYS A 297 -9.76 -37.20 -6.19
C CYS A 297 -10.49 -37.68 -7.45
N SER A 298 -11.80 -37.87 -7.36
CA SER A 298 -12.59 -38.18 -8.57
C SER A 298 -12.69 -37.00 -9.53
N THR A 299 -12.76 -35.78 -8.98
CA THR A 299 -12.84 -34.53 -9.77
C THR A 299 -11.56 -34.19 -10.54
N ILE A 300 -10.43 -34.18 -9.84
CA ILE A 300 -9.14 -33.86 -10.47
C ILE A 300 -8.62 -35.05 -11.28
N GLY A 301 -8.92 -36.25 -10.80
CA GLY A 301 -8.41 -37.48 -11.39
C GLY A 301 -6.99 -37.77 -10.94
N LEU A 302 -6.50 -38.95 -11.30
CA LEU A 302 -5.19 -39.42 -10.90
C LEU A 302 -4.16 -39.24 -12.01
N ASN A 303 -2.90 -39.01 -11.61
CA ASN A 303 -1.80 -39.03 -12.56
C ASN A 303 -1.77 -40.37 -13.31
N GLN A 304 -1.88 -40.31 -14.63
CA GLN A 304 -1.85 -41.51 -15.46
C GLN A 304 -0.79 -41.39 -16.55
N MET B 1 21.51 30.62 -9.94
CA MET B 1 21.30 30.89 -8.49
C MET B 1 21.93 32.21 -8.05
N THR B 2 21.08 33.13 -7.62
CA THR B 2 21.50 34.46 -7.18
C THR B 2 22.43 34.41 -5.96
N LEU B 3 23.12 35.52 -5.70
CA LEU B 3 23.96 35.64 -4.51
C LEU B 3 23.12 35.73 -3.23
N GLN B 4 21.88 36.19 -3.34
CA GLN B 4 20.98 36.27 -2.19
C GLN B 4 20.49 34.87 -1.78
N GLN B 5 20.24 34.01 -2.77
CA GLN B 5 19.79 32.63 -2.53
C GLN B 5 20.84 31.74 -1.85
N ARG B 6 22.12 32.00 -2.15
CA ARG B 6 23.21 31.22 -1.55
C ARG B 6 23.53 31.68 -0.13
N LYS B 7 23.47 32.99 0.08
CA LYS B 7 23.68 33.58 1.41
C LYS B 7 22.69 32.99 2.42
N ARG B 8 21.42 32.92 2.03
CA ARG B 8 20.36 32.34 2.85
C ARG B 8 20.59 30.85 3.11
N LEU B 9 21.11 30.15 2.10
CA LEU B 9 21.45 28.72 2.21
C LEU B 9 22.61 28.51 3.17
N GLU B 10 23.66 29.32 3.01
CA GLU B 10 24.84 29.27 3.88
C GLU B 10 24.44 29.62 5.32
N ALA B 11 23.63 30.68 5.46
CA ALA B 11 23.04 31.06 6.74
C ALA B 11 22.25 29.90 7.40
N PHE B 12 21.50 29.16 6.61
CA PHE B 12 20.77 28.01 7.12
C PHE B 12 21.71 26.92 7.68
N LEU B 13 22.71 26.54 6.88
CA LEU B 13 23.67 25.49 7.26
C LEU B 13 24.47 25.82 8.52
N THR B 14 24.79 27.12 8.69
CA THR B 14 25.53 27.61 9.85
C THR B 14 24.67 27.45 11.11
N GLN B 15 23.42 27.89 11.01
CA GLN B 15 22.43 27.77 12.06
C GLN B 15 22.15 26.30 12.40
N LYS B 16 22.22 25.44 11.38
CA LYS B 16 21.97 24.01 11.51
C LYS B 16 22.98 23.31 12.43
N GLN B 17 24.23 23.78 12.43
CA GLN B 17 25.30 23.16 13.24
C GLN B 17 25.12 23.40 14.74
N LYS B 18 24.26 24.36 15.08
CA LYS B 18 23.88 24.66 16.46
C LYS B 18 22.93 23.62 17.08
N VAL B 19 22.50 22.65 16.27
CA VAL B 19 21.70 21.53 16.79
C VAL B 19 22.51 20.24 16.79
N GLY B 20 22.26 19.40 17.79
CA GLY B 20 22.94 18.11 17.88
C GLY B 20 21.98 16.99 17.56
N GLU B 21 22.11 15.89 18.29
CA GLU B 21 21.14 14.80 18.24
C GLU B 21 19.81 15.34 18.76
N LEU B 22 18.73 15.02 18.05
CA LEU B 22 17.39 15.47 18.44
C LEU B 22 16.67 14.42 19.28
N LYS B 23 16.03 14.88 20.34
CA LYS B 23 15.22 13.99 21.18
C LYS B 23 13.91 14.64 21.61
N ASP B 24 12.92 13.80 21.89
CA ASP B 24 11.56 14.22 22.23
C ASP B 24 11.53 15.26 23.35
N ASP B 25 12.32 15.01 24.39
CA ASP B 25 12.48 15.89 25.56
C ASP B 25 12.83 17.36 25.23
N ASP B 26 13.50 17.58 24.10
CA ASP B 26 14.05 18.90 23.76
C ASP B 26 13.10 19.85 23.00
N PHE B 27 11.85 19.42 22.84
CA PHE B 27 10.86 20.22 22.11
C PHE B 27 9.67 20.63 22.98
N GLU B 28 9.29 21.90 22.88
CA GLU B 28 7.98 22.33 23.32
C GLU B 28 7.16 22.81 22.12
N LYS B 29 5.92 22.34 22.04
CA LYS B 29 5.01 22.73 20.97
C LYS B 29 4.68 24.21 21.10
N ILE B 30 4.51 24.86 19.96
CA ILE B 30 4.00 26.23 19.89
C ILE B 30 2.54 26.17 19.39
N SER B 31 2.30 25.35 18.37
CA SER B 31 0.96 25.11 17.82
C SER B 31 0.96 23.91 16.87
N GLU B 32 -0.24 23.48 16.47
CA GLU B 32 -0.39 22.47 15.43
C GLU B 32 -0.44 23.18 14.09
N LEU B 33 0.31 22.65 13.11
CA LEU B 33 0.30 23.22 11.76
C LEU B 33 -0.75 22.57 10.87
N GLY B 34 -1.04 21.30 11.13
CA GLY B 34 -2.08 20.58 10.40
C GLY B 34 -1.85 19.08 10.37
N ALA B 35 -2.65 18.40 9.56
CA ALA B 35 -2.60 16.95 9.44
C ALA B 35 -2.89 16.53 8.01
N GLY B 36 -2.43 15.34 7.63
CA GLY B 36 -2.62 14.83 6.27
C GLY B 36 -2.79 13.33 6.20
N ASN B 37 -1.99 12.71 5.34
CA ASN B 37 -2.13 11.30 4.95
C ASN B 37 -1.70 10.24 5.99
N GLY B 38 -1.47 10.67 7.22
CA GLY B 38 -0.97 9.78 8.27
C GLY B 38 0.21 10.38 9.02
N GLY B 39 0.28 11.71 9.04
CA GLY B 39 1.32 12.44 9.74
C GLY B 39 0.77 13.77 10.26
N VAL B 40 1.18 14.14 11.47
CA VAL B 40 0.78 15.41 12.09
C VAL B 40 1.98 16.34 12.20
N VAL B 41 1.80 17.61 11.83
CA VAL B 41 2.91 18.58 11.87
C VAL B 41 2.69 19.68 12.90
N PHE B 42 3.68 19.85 13.78
CA PHE B 42 3.63 20.85 14.82
C PHE B 42 4.69 21.92 14.59
N LYS B 43 4.35 23.15 14.97
CA LYS B 43 5.34 24.20 15.13
C LYS B 43 5.90 24.02 16.53
N VAL B 44 7.21 23.81 16.62
CA VAL B 44 7.86 23.55 17.90
C VAL B 44 9.06 24.47 18.07
N SER B 45 9.45 24.68 19.34
CA SER B 45 10.72 25.31 19.65
C SER B 45 11.75 24.26 20.09
N HIS B 46 12.92 24.29 19.48
CA HIS B 46 14.02 23.44 19.90
C HIS B 46 14.79 24.17 21.00
N LYS B 47 14.77 23.60 22.20
CA LYS B 47 15.24 24.30 23.40
C LYS B 47 16.76 24.44 23.51
N PRO B 48 17.52 23.33 23.40
CA PRO B 48 18.98 23.39 23.37
C PRO B 48 19.57 24.12 22.15
N SER B 49 18.80 25.08 21.63
CA SER B 49 19.19 26.02 20.56
C SER B 49 18.09 27.06 20.45
N GLY B 50 18.26 28.07 19.61
CA GLY B 50 17.25 29.11 19.50
C GLY B 50 16.08 28.72 18.60
N LEU B 51 16.32 27.71 17.77
CA LEU B 51 15.55 27.45 16.55
C LEU B 51 14.09 27.01 16.67
N VAL B 52 13.24 27.71 15.93
CA VAL B 52 11.88 27.25 15.63
C VAL B 52 11.94 26.23 14.48
N MET B 53 11.27 25.08 14.68
CA MET B 53 11.24 24.02 13.70
C MET B 53 9.82 23.61 13.40
N ALA B 54 9.64 22.95 12.25
CA ALA B 54 8.43 22.17 11.99
C ALA B 54 8.78 20.72 12.24
N ARG B 55 8.00 20.06 13.09
CA ARG B 55 8.20 18.66 13.41
C ARG B 55 7.01 17.85 12.92
N LYS B 56 7.29 16.90 12.02
CA LYS B 56 6.27 16.02 11.46
C LYS B 56 6.37 14.64 12.12
N LEU B 57 5.26 14.20 12.70
CA LEU B 57 5.20 12.92 13.38
C LEU B 57 4.41 11.90 12.59
N ILE B 58 5.02 10.75 12.33
CA ILE B 58 4.43 9.72 11.51
C ILE B 58 4.33 8.41 12.30
N HIS B 59 3.09 8.03 12.63
CA HIS B 59 2.83 6.82 13.42
C HIS B 59 3.12 5.56 12.60
N LEU B 60 3.99 4.71 13.14
CA LEU B 60 4.49 3.56 12.39
C LEU B 60 4.64 2.32 13.27
N GLU B 61 4.11 1.20 12.79
CA GLU B 61 4.19 -0.10 13.48
C GLU B 61 5.37 -0.90 12.94
N ILE B 62 6.55 -0.57 13.43
CA ILE B 62 7.79 -1.14 12.90
C ILE B 62 8.78 -1.53 13.99
N LYS B 63 9.57 -2.57 13.70
CA LYS B 63 10.54 -3.12 14.65
C LYS B 63 11.95 -2.58 14.40
N PRO B 64 12.80 -2.52 15.46
CA PRO B 64 14.18 -2.03 15.49
C PRO B 64 14.97 -1.97 14.16
N ALA B 65 14.95 -3.04 13.37
CA ALA B 65 15.78 -3.10 12.17
C ALA B 65 15.24 -2.23 11.03
N ILE B 66 13.92 -2.25 10.87
CA ILE B 66 13.21 -1.49 9.84
C ILE B 66 13.24 0.02 10.12
N ARG B 67 13.06 0.39 11.39
CA ARG B 67 13.09 1.81 11.78
C ARG B 67 14.49 2.44 11.71
N ASN B 68 15.53 1.65 11.99
CA ASN B 68 16.92 2.13 11.99
C ASN B 68 17.43 2.40 10.59
N GLN B 69 16.92 1.62 9.64
CA GLN B 69 17.23 1.78 8.22
C GLN B 69 16.57 3.03 7.65
N ILE B 70 15.37 3.32 8.13
CA ILE B 70 14.59 4.49 7.74
C ILE B 70 15.32 5.79 8.14
N ILE B 71 15.72 5.87 9.41
CA ILE B 71 16.47 7.01 9.95
C ILE B 71 17.82 7.23 9.24
N ARG B 72 18.46 6.12 8.86
CA ARG B 72 19.74 6.15 8.14
C ARG B 72 19.60 6.70 6.73
N GLU B 73 18.51 6.31 6.07
CA GLU B 73 18.22 6.79 4.72
C GLU B 73 17.78 8.24 4.73
N LEU B 74 17.07 8.65 5.79
CA LEU B 74 16.67 10.04 6.00
C LEU B 74 17.85 11.01 6.16
N GLN B 75 19.04 10.46 6.33
CA GLN B 75 20.25 11.26 6.53
C GLN B 75 20.73 11.94 5.25
N VAL B 76 20.33 11.41 4.10
CA VAL B 76 20.58 12.06 2.80
C VAL B 76 19.98 13.48 2.76
N LEU B 77 18.91 13.69 3.51
CA LEU B 77 18.25 15.01 3.57
C LEU B 77 19.17 16.14 4.08
N HIS B 78 20.21 15.79 4.84
CA HIS B 78 21.26 16.72 5.23
C HIS B 78 21.99 17.27 3.99
N GLU B 79 22.06 16.45 2.94
CA GLU B 79 22.74 16.79 1.69
C GLU B 79 21.86 17.54 0.67
N CYS B 80 20.55 17.53 0.88
CA CYS B 80 19.63 18.27 0.00
C CYS B 80 19.61 19.73 0.40
N ASN B 81 20.41 20.54 -0.29
CA ASN B 81 20.53 21.96 0.02
C ASN B 81 20.31 22.84 -1.20
N SER B 82 19.13 23.47 -1.23
CA SER B 82 18.62 24.15 -2.43
C SER B 82 17.61 25.22 -2.04
N PRO B 83 17.61 26.36 -2.73
CA PRO B 83 16.58 27.38 -2.53
C PRO B 83 15.15 26.90 -2.82
N TYR B 84 15.03 25.73 -3.45
CA TYR B 84 13.72 25.21 -3.86
C TYR B 84 13.33 23.95 -3.09
N ILE B 85 14.12 23.64 -2.05
CA ILE B 85 13.86 22.49 -1.19
C ILE B 85 13.84 22.98 0.25
N VAL B 86 12.91 22.46 1.05
CA VAL B 86 12.79 22.77 2.48
C VAL B 86 13.96 22.22 3.29
N GLY B 87 14.52 23.06 4.16
CA GLY B 87 15.68 22.68 4.98
C GLY B 87 15.41 21.59 5.98
N PHE B 88 16.33 20.64 6.08
CA PHE B 88 16.21 19.51 7.00
C PHE B 88 17.07 19.73 8.25
N TYR B 89 16.53 19.42 9.43
CA TYR B 89 17.30 19.51 10.67
C TYR B 89 17.75 18.15 11.18
N GLY B 90 16.82 17.18 11.21
CA GLY B 90 17.15 15.84 11.66
C GLY B 90 15.95 14.92 11.80
N ALA B 91 16.21 13.66 12.10
CA ALA B 91 15.15 12.68 12.30
C ALA B 91 15.48 11.65 13.37
N PHE B 92 14.47 11.28 14.16
CA PHE B 92 14.60 10.27 15.20
C PHE B 92 13.33 9.41 15.36
N TYR B 93 13.44 8.39 16.21
CA TYR B 93 12.29 7.59 16.61
C TYR B 93 11.99 7.86 18.09
N SER B 94 10.70 7.85 18.44
CA SER B 94 10.24 8.15 19.79
C SER B 94 8.75 7.83 19.92
N ASP B 95 8.39 7.13 20.99
CA ASP B 95 6.98 6.84 21.33
C ASP B 95 6.21 6.16 20.20
N GLY B 96 6.89 5.28 19.44
CA GLY B 96 6.26 4.61 18.29
C GLY B 96 5.98 5.51 17.09
N GLU B 97 6.70 6.64 17.01
CA GLU B 97 6.55 7.62 15.95
C GLU B 97 7.88 8.17 15.43
N ILE B 98 8.05 8.11 14.11
CA ILE B 98 9.17 8.74 13.42
C ILE B 98 8.93 10.25 13.39
N SER B 99 9.93 11.01 13.79
CA SER B 99 9.84 12.46 13.75
C SER B 99 10.85 13.02 12.76
N ILE B 100 10.32 13.76 11.78
CA ILE B 100 11.16 14.48 10.83
C ILE B 100 11.08 15.96 11.17
N CYS B 101 12.23 16.55 11.42
CA CYS B 101 12.30 17.94 11.82
C CYS B 101 12.89 18.75 10.69
N MET B 102 12.19 19.81 10.32
CA MET B 102 12.56 20.59 9.17
C MET B 102 12.45 22.09 9.44
N GLU B 103 12.95 22.86 8.49
CA GLU B 103 12.77 24.30 8.46
C GLU B 103 11.28 24.67 8.48
N HIS B 104 10.91 25.55 9.41
CA HIS B 104 9.56 26.07 9.53
C HIS B 104 9.32 27.10 8.44
N MET B 105 8.23 26.93 7.70
CA MET B 105 7.83 27.84 6.62
C MET B 105 6.57 28.54 7.06
N ASP B 106 6.64 29.85 7.28
CA ASP B 106 5.56 30.54 8.00
C ASP B 106 4.33 30.87 7.17
N GLY B 107 4.47 30.81 5.84
CA GLY B 107 3.33 30.92 4.93
C GLY B 107 2.55 29.62 4.79
N GLY B 108 3.11 28.54 5.34
CA GLY B 108 2.51 27.21 5.23
C GLY B 108 2.60 26.66 3.82
N SER B 109 1.63 25.81 3.48
CA SER B 109 1.59 25.19 2.15
C SER B 109 0.67 25.98 1.22
N LEU B 110 0.84 25.79 -0.09
CA LEU B 110 -0.06 26.40 -1.07
C LEU B 110 -1.51 25.88 -0.99
N ASP B 111 -1.70 24.72 -0.38
CA ASP B 111 -3.03 24.24 -0.06
C ASP B 111 -3.74 25.17 0.94
N GLN B 112 -2.98 25.63 1.94
CA GLN B 112 -3.48 26.54 2.97
C GLN B 112 -3.69 27.94 2.40
N VAL B 113 -2.73 28.38 1.59
CA VAL B 113 -2.79 29.69 0.93
C VAL B 113 -3.97 29.76 -0.04
N LEU B 114 -4.21 28.67 -0.77
CA LEU B 114 -5.33 28.60 -1.72
C LEU B 114 -6.67 28.79 -1.00
N LYS B 115 -6.86 28.02 0.07
CA LYS B 115 -8.07 28.13 0.91
C LYS B 115 -8.33 29.55 1.45
N LYS B 116 -7.27 30.36 1.54
CA LYS B 116 -7.37 31.76 1.95
C LYS B 116 -7.58 32.70 0.75
N ALA B 117 -6.82 32.48 -0.33
CA ALA B 117 -6.89 33.32 -1.54
C ALA B 117 -8.13 33.08 -2.41
N GLY B 118 -8.70 31.89 -2.31
CA GLY B 118 -9.76 31.48 -3.22
C GLY B 118 -9.17 30.87 -4.49
N ARG B 119 -8.37 31.67 -5.20
CA ARG B 119 -7.62 31.22 -6.38
C ARG B 119 -6.29 31.96 -6.40
N ILE B 120 -5.27 31.32 -6.95
CA ILE B 120 -3.94 31.93 -7.06
C ILE B 120 -3.71 32.45 -8.47
N PRO B 121 -3.46 33.76 -8.61
CA PRO B 121 -3.26 34.41 -9.91
C PRO B 121 -2.24 33.70 -10.81
N GLU B 122 -2.49 33.76 -12.13
CA GLU B 122 -1.65 33.10 -13.13
C GLU B 122 -0.16 33.51 -13.09
N GLN B 123 0.09 34.80 -12.84
CA GLN B 123 1.47 35.29 -12.81
C GLN B 123 2.22 34.82 -11.57
N ILE B 124 1.48 34.57 -10.48
CA ILE B 124 2.00 33.95 -9.27
C ILE B 124 2.36 32.48 -9.53
N LEU B 125 1.48 31.77 -10.25
CA LEU B 125 1.66 30.36 -10.60
C LEU B 125 2.79 30.13 -11.59
N GLY B 126 3.20 31.19 -12.29
CA GLY B 126 4.42 31.15 -13.10
C GLY B 126 5.64 31.06 -12.21
N LYS B 127 5.60 31.77 -11.10
CA LYS B 127 6.72 31.79 -10.16
C LYS B 127 6.81 30.48 -9.40
N VAL B 128 5.64 29.96 -9.03
CA VAL B 128 5.50 28.64 -8.43
C VAL B 128 6.04 27.53 -9.36
N SER B 129 5.66 27.57 -10.64
CA SER B 129 6.06 26.55 -11.62
C SER B 129 7.57 26.55 -11.87
N ILE B 130 8.16 27.74 -11.98
CA ILE B 130 9.60 27.92 -12.07
C ILE B 130 10.29 27.25 -10.88
N ALA B 131 9.78 27.50 -9.69
CA ALA B 131 10.34 26.97 -8.46
C ALA B 131 10.15 25.46 -8.31
N VAL B 132 8.96 24.96 -8.65
CA VAL B 132 8.71 23.51 -8.61
C VAL B 132 9.61 22.77 -9.61
N ILE B 133 9.74 23.29 -10.83
CA ILE B 133 10.59 22.69 -11.86
C ILE B 133 12.04 22.61 -11.41
N LYS B 134 12.55 23.74 -10.93
CA LYS B 134 13.92 23.86 -10.43
C LYS B 134 14.19 22.95 -9.24
N GLY B 135 13.18 22.79 -8.37
CA GLY B 135 13.27 21.87 -7.24
C GLY B 135 13.29 20.41 -7.65
N LEU B 136 12.53 20.06 -8.69
CA LEU B 136 12.48 18.68 -9.18
C LEU B 136 13.74 18.34 -9.97
N THR B 137 14.25 19.34 -10.68
CA THR B 137 15.51 19.25 -11.41
C THR B 137 16.65 19.03 -10.43
N TYR B 138 16.67 19.81 -9.34
CA TYR B 138 17.67 19.65 -8.28
C TYR B 138 17.68 18.23 -7.70
N LEU B 139 16.50 17.74 -7.32
CA LEU B 139 16.38 16.43 -6.71
C LEU B 139 16.87 15.33 -7.65
N ARG B 140 16.60 15.52 -8.94
CA ARG B 140 16.98 14.54 -9.96
C ARG B 140 18.49 14.51 -10.22
N GLU B 141 19.07 15.66 -10.59
CA GLU B 141 20.48 15.68 -10.95
C GLU B 141 21.47 15.50 -9.80
N LYS B 142 21.18 16.11 -8.65
CA LYS B 142 22.10 16.07 -7.52
C LYS B 142 21.92 14.82 -6.64
N HIS B 143 20.73 14.23 -6.66
CA HIS B 143 20.44 13.13 -5.75
C HIS B 143 19.79 11.93 -6.42
N LYS B 144 19.46 12.05 -7.71
CA LYS B 144 18.71 11.02 -8.44
C LYS B 144 17.45 10.65 -7.65
N ILE B 145 16.84 11.68 -7.06
CA ILE B 145 15.60 11.55 -6.30
C ILE B 145 14.41 11.99 -7.16
N MET B 146 13.39 11.14 -7.22
CA MET B 146 12.07 11.54 -7.69
C MET B 146 11.24 11.91 -6.46
N HIS B 147 10.36 12.89 -6.62
CA HIS B 147 9.56 13.39 -5.50
C HIS B 147 8.50 12.40 -5.06
N ARG B 148 7.61 12.05 -5.99
CA ARG B 148 6.49 11.08 -5.80
C ARG B 148 5.29 11.57 -5.00
N ASP B 149 5.35 12.80 -4.51
CA ASP B 149 4.24 13.35 -3.74
C ASP B 149 4.04 14.85 -3.95
N VAL B 150 4.09 15.27 -5.21
CA VAL B 150 3.85 16.66 -5.56
C VAL B 150 2.34 16.93 -5.46
N LYS B 151 2.01 17.97 -4.69
CA LYS B 151 0.63 18.42 -4.49
C LYS B 151 0.72 19.76 -3.77
N PRO B 152 -0.35 20.58 -3.82
CA PRO B 152 -0.33 21.89 -3.13
C PRO B 152 0.14 21.89 -1.67
N SER B 153 -0.18 20.85 -0.91
CA SER B 153 0.22 20.77 0.50
C SER B 153 1.71 20.52 0.70
N ASN B 154 2.41 20.15 -0.38
CA ASN B 154 3.86 19.89 -0.35
C ASN B 154 4.71 20.92 -1.07
N ILE B 155 4.10 22.03 -1.39
CA ILE B 155 4.78 23.21 -1.89
C ILE B 155 4.59 24.30 -0.84
N LEU B 156 5.68 24.58 -0.12
CA LEU B 156 5.67 25.48 1.04
C LEU B 156 6.21 26.86 0.67
N VAL B 157 5.71 27.85 1.40
CA VAL B 157 6.00 29.26 1.13
C VAL B 157 6.30 30.01 2.43
N ASN B 158 7.00 31.14 2.33
CA ASN B 158 7.33 31.89 3.54
C ASN B 158 7.31 33.41 3.31
N SER B 159 7.38 34.19 4.39
CA SER B 159 7.37 35.67 4.29
C SER B 159 8.60 36.31 3.60
N ARG B 160 9.53 35.48 3.13
CA ARG B 160 10.69 35.96 2.37
C ARG B 160 10.48 35.74 0.87
N GLY B 161 9.32 35.20 0.52
CA GLY B 161 8.95 34.96 -0.88
C GLY B 161 9.58 33.71 -1.47
N GLU B 162 9.97 32.79 -0.61
CA GLU B 162 10.58 31.54 -1.06
C GLU B 162 9.53 30.48 -1.29
N ILE B 163 9.74 29.66 -2.32
CA ILE B 163 8.83 28.58 -2.69
C ILE B 163 9.66 27.30 -2.73
N LYS B 164 9.25 26.33 -1.91
CA LYS B 164 10.07 25.17 -1.65
C LYS B 164 9.28 23.88 -1.63
N LEU B 165 9.92 22.82 -2.11
CA LEU B 165 9.36 21.48 -2.09
C LEU B 165 9.70 20.74 -0.81
N CYS B 166 8.75 19.92 -0.38
CA CYS B 166 8.93 19.09 0.81
CA CYS B 166 8.90 19.11 0.81
C CYS B 166 8.25 17.75 0.60
N ASP B 167 8.42 16.86 1.58
CA ASP B 167 7.80 15.53 1.59
C ASP B 167 8.09 14.65 0.37
N PHE B 168 9.35 14.67 -0.07
CA PHE B 168 9.82 13.72 -1.06
C PHE B 168 10.48 12.54 -0.35
N GLY B 169 10.07 11.34 -0.77
CA GLY B 169 10.57 10.10 -0.21
C GLY B 169 12.05 9.85 -0.46
N VAL B 170 12.69 9.20 0.51
CA VAL B 170 14.13 8.94 0.46
C VAL B 170 14.44 7.46 0.83
N SER B 171 13.39 6.72 1.22
CA SER B 171 13.51 5.36 1.74
C SER B 171 13.20 4.23 0.75
N GLY B 172 12.77 4.58 -0.46
CA GLY B 172 12.39 3.58 -1.45
C GLY B 172 11.44 4.12 -2.51
N GLN B 173 10.50 3.31 -3.01
CA GLN B 173 10.26 1.90 -2.64
C GLN B 173 9.19 1.74 -1.52
N LEU B 174 8.76 2.87 -0.96
CA LEU B 174 7.69 2.88 0.03
C LEU B 174 6.75 4.07 -0.24
N ILE B 175 5.51 3.81 -0.68
CA ILE B 175 5.02 2.46 -0.94
C ILE B 175 4.97 2.17 -2.45
N ASP B 176 6.04 1.54 -2.95
CA ASP B 176 6.17 1.16 -4.36
C ASP B 176 7.34 0.19 -4.56
CA PHE B 182 -4.58 5.63 2.76
C PHE B 182 -6.09 5.61 2.98
N VAL B 183 -6.87 5.79 1.92
CA VAL B 183 -6.36 6.12 0.57
C VAL B 183 -6.72 7.56 0.18
N GLY B 184 -7.70 8.14 0.89
CA GLY B 184 -7.99 9.57 0.84
C GLY B 184 -9.26 9.98 0.11
N THR B 185 -9.34 11.27 -0.21
CA THR B 185 -10.51 11.87 -0.89
C THR B 185 -10.17 12.37 -2.31
N ARG B 186 -8.88 12.68 -2.52
CA ARG B 186 -8.31 13.16 -3.79
C ARG B 186 -7.18 12.23 -4.23
N SER B 187 -6.68 12.42 -5.45
CA SER B 187 -5.41 11.79 -5.91
C SER B 187 -4.61 12.67 -6.89
N TYR B 188 -3.30 12.73 -6.68
CA TYR B 188 -2.38 13.45 -7.58
C TYR B 188 -1.47 12.48 -8.32
N MET B 189 -1.80 11.20 -8.24
CA MET B 189 -1.08 10.16 -8.97
C MET B 189 -1.46 10.14 -10.45
N SER B 190 -0.42 10.08 -11.30
CA SER B 190 -0.56 10.02 -12.75
C SER B 190 -1.30 8.75 -13.20
N PRO B 191 -1.89 8.80 -14.42
CA PRO B 191 -2.60 7.60 -14.88
C PRO B 191 -1.72 6.35 -14.95
N GLU B 192 -0.45 6.50 -15.31
CA GLU B 192 0.45 5.35 -15.41
C GLU B 192 0.90 4.81 -14.05
N ARG B 193 1.01 5.69 -13.04
CA ARG B 193 1.28 5.25 -11.68
C ARG B 193 0.07 4.52 -11.06
N LEU B 194 -1.13 4.97 -11.40
CA LEU B 194 -2.35 4.28 -10.99
C LEU B 194 -2.49 2.89 -11.63
N GLN B 195 -1.83 2.67 -12.77
CA GLN B 195 -1.87 1.38 -13.44
C GLN B 195 -0.72 0.42 -13.05
N GLY B 196 0.08 0.80 -12.06
CA GLY B 196 1.14 -0.07 -11.55
C GLY B 196 2.50 0.13 -12.19
N THR B 197 2.56 0.93 -13.26
CA THR B 197 3.83 1.43 -13.77
C THR B 197 4.49 2.17 -12.59
N HIS B 198 5.65 1.68 -12.17
C HIS B 198 8.05 2.55 -13.92
N TYR B 199 7.67 3.45 -13.02
CA TYR B 199 7.34 4.82 -13.39
C TYR B 199 8.55 5.76 -13.28
N SER B 200 8.35 7.02 -13.67
CA SER B 200 9.44 7.97 -13.81
C SER B 200 9.14 9.30 -13.13
N VAL B 201 9.95 10.30 -13.49
CA VAL B 201 9.77 11.68 -13.03
C VAL B 201 8.70 12.39 -13.85
N GLN B 202 8.23 11.71 -14.89
CA GLN B 202 7.07 12.15 -15.67
C GLN B 202 5.80 12.15 -14.84
N SER B 203 5.75 11.29 -13.82
CA SER B 203 4.65 11.28 -12.84
C SER B 203 4.58 12.56 -12.03
N ASP B 204 5.74 13.13 -11.72
CA ASP B 204 5.80 14.38 -10.93
C ASP B 204 5.30 15.57 -11.71
N ILE B 205 5.55 15.53 -13.01
CA ILE B 205 5.10 16.58 -13.92
C ILE B 205 3.57 16.55 -14.04
N TRP B 206 3.00 15.35 -14.11
CA TRP B 206 1.55 15.14 -14.07
C TRP B 206 0.98 15.81 -12.82
N SER B 207 1.52 15.41 -11.67
CA SER B 207 1.17 15.95 -10.34
C SER B 207 1.26 17.46 -10.25
N MET B 208 2.32 18.02 -10.82
CA MET B 208 2.52 19.47 -10.86
C MET B 208 1.48 20.17 -11.75
N GLY B 209 1.21 19.60 -12.92
CA GLY B 209 0.18 20.10 -13.81
C GLY B 209 -1.19 20.15 -13.20
N LEU B 210 -1.57 19.06 -12.54
CA LEU B 210 -2.84 18.96 -11.83
C LEU B 210 -2.93 19.95 -10.66
N SER B 211 -1.82 20.09 -9.94
CA SER B 211 -1.73 21.03 -8.82
C SER B 211 -1.98 22.46 -9.26
N LEU B 212 -1.33 22.85 -10.37
CA LEU B 212 -1.50 24.17 -10.99
C LEU B 212 -2.94 24.48 -11.39
N VAL B 213 -3.64 23.52 -11.98
CA VAL B 213 -5.03 23.71 -12.36
C VAL B 213 -5.90 23.88 -11.11
N GLU B 214 -5.61 23.08 -10.08
CA GLU B 214 -6.30 23.22 -8.80
C GLU B 214 -6.15 24.62 -8.21
N MET B 215 -4.94 25.16 -8.29
CA MET B 215 -4.61 26.44 -7.71
C MET B 215 -5.14 27.62 -8.54
N ALA B 216 -5.14 27.46 -9.86
CA ALA B 216 -5.69 28.47 -10.78
C ALA B 216 -7.19 28.64 -10.63
N VAL B 217 -7.92 27.53 -10.49
CA VAL B 217 -9.39 27.54 -10.46
C VAL B 217 -10.00 27.46 -9.06
N GLY B 218 -9.17 27.16 -8.06
CA GLY B 218 -9.59 27.22 -6.67
C GLY B 218 -10.18 25.94 -6.11
N ARG B 219 -10.17 24.87 -6.90
CA ARG B 219 -10.63 23.57 -6.42
C ARG B 219 -9.99 22.45 -7.20
N TYR B 220 -10.04 21.26 -6.62
CA TYR B 220 -9.51 20.05 -7.26
C TYR B 220 -10.35 19.79 -8.50
N PRO B 221 -9.70 19.77 -9.69
CA PRO B 221 -10.40 19.96 -10.97
C PRO B 221 -11.03 18.70 -11.60
N ILE B 222 -10.91 17.55 -10.93
CA ILE B 222 -11.43 16.30 -11.45
C ILE B 222 -12.58 15.78 -10.59
N GLY B 223 -13.71 15.44 -11.23
CA GLY B 223 -14.89 14.97 -10.51
C GLY B 223 -15.63 16.09 -9.79
N SER B 228 -19.34 4.18 1.67
CA SER B 228 -19.44 5.50 1.04
C SER B 228 -18.09 6.21 0.90
N MET B 229 -17.59 6.24 -0.34
CA MET B 229 -16.50 7.10 -0.78
C MET B 229 -16.37 6.97 -2.30
N ALA B 230 -16.07 8.09 -2.94
CA ALA B 230 -15.92 8.17 -4.38
C ALA B 230 -14.47 7.97 -4.84
N ILE B 231 -13.57 7.64 -3.91
CA ILE B 231 -12.13 7.56 -4.22
C ILE B 231 -11.79 6.70 -5.44
N PHE B 232 -12.37 5.50 -5.52
CA PHE B 232 -12.09 4.58 -6.62
C PHE B 232 -12.83 4.97 -7.89
N GLU B 233 -13.95 5.67 -7.72
CA GLU B 233 -14.64 6.30 -8.84
C GLU B 233 -13.74 7.35 -9.52
N LEU B 234 -13.06 8.15 -8.69
CA LEU B 234 -12.18 9.20 -9.15
C LEU B 234 -10.92 8.66 -9.83
N LEU B 235 -10.30 7.67 -9.20
CA LEU B 235 -9.13 6.99 -9.75
C LEU B 235 -9.46 6.39 -11.11
N ASP B 236 -10.66 5.83 -11.25
CA ASP B 236 -11.12 5.22 -12.51
C ASP B 236 -11.30 6.28 -13.60
N TYR B 237 -11.81 7.43 -13.19
CA TYR B 237 -11.86 8.61 -14.03
C TYR B 237 -10.48 9.07 -14.54
N ILE B 238 -9.49 9.15 -13.65
CA ILE B 238 -8.15 9.61 -14.02
C ILE B 238 -7.49 8.71 -15.08
N VAL B 239 -7.69 7.40 -14.91
CA VAL B 239 -7.16 6.38 -15.80
C VAL B 239 -7.87 6.38 -17.15
N ASN B 240 -9.20 6.52 -17.13
CA ASN B 240 -10.01 6.26 -18.30
C ASN B 240 -10.52 7.45 -19.10
N GLU B 241 -10.75 8.58 -18.42
CA GLU B 241 -11.30 9.77 -19.07
C GLU B 241 -10.24 10.85 -19.37
N PRO B 242 -10.58 11.86 -20.20
CA PRO B 242 -9.62 12.91 -20.51
C PRO B 242 -9.12 13.69 -19.27
N PRO B 243 -7.88 14.20 -19.35
CA PRO B 243 -7.32 14.99 -18.26
C PRO B 243 -8.04 16.33 -18.10
N PRO B 244 -7.92 16.94 -16.92
CA PRO B 244 -8.56 18.23 -16.72
C PRO B 244 -7.83 19.32 -17.51
N LYS B 245 -8.42 20.51 -17.55
CA LYS B 245 -7.82 21.63 -18.25
C LYS B 245 -8.33 22.94 -17.67
N LEU B 246 -7.59 24.02 -17.91
CA LEU B 246 -8.03 25.36 -17.55
C LEU B 246 -9.20 25.82 -18.43
N PRO B 247 -10.16 26.54 -17.82
CA PRO B 247 -11.19 27.20 -18.64
C PRO B 247 -10.57 28.19 -19.61
N SER B 248 -11.11 28.24 -20.83
CA SER B 248 -10.61 29.17 -21.84
C SER B 248 -11.10 30.60 -21.58
N GLY B 249 -10.30 31.57 -22.02
CA GLY B 249 -10.67 32.98 -21.96
C GLY B 249 -10.09 33.76 -20.80
N VAL B 250 -9.88 33.08 -19.67
CA VAL B 250 -9.50 33.74 -18.42
C VAL B 250 -8.05 33.47 -18.01
N PHE B 251 -7.36 32.67 -18.82
CA PHE B 251 -5.96 32.36 -18.62
C PHE B 251 -5.32 32.47 -19.98
N SER B 252 -4.05 32.84 -20.01
CA SER B 252 -3.36 33.00 -21.28
C SER B 252 -3.15 31.65 -21.97
N LEU B 253 -2.98 31.71 -23.29
CA LEU B 253 -2.77 30.53 -24.12
C LEU B 253 -1.51 29.75 -23.76
N GLU B 254 -0.49 30.46 -23.30
CA GLU B 254 0.77 29.81 -22.91
C GLU B 254 0.68 29.06 -21.58
N PHE B 255 -0.20 29.51 -20.69
CA PHE B 255 -0.46 28.80 -19.44
C PHE B 255 -1.35 27.58 -19.69
N GLN B 256 -2.37 27.73 -20.53
CA GLN B 256 -3.20 26.62 -20.99
C GLN B 256 -2.38 25.54 -21.69
N ASP B 257 -1.46 25.95 -22.58
CA ASP B 257 -0.55 25.01 -23.26
C ASP B 257 0.41 24.32 -22.28
N PHE B 258 0.88 25.08 -21.30
CA PHE B 258 1.84 24.59 -20.30
C PHE B 258 1.23 23.47 -19.43
N VAL B 259 0.04 23.71 -18.89
CA VAL B 259 -0.59 22.71 -18.05
C VAL B 259 -1.07 21.54 -18.89
N ASN B 260 -1.44 21.80 -20.15
CA ASN B 260 -1.88 20.77 -21.09
C ASN B 260 -0.76 19.77 -21.39
N LYS B 261 0.45 20.30 -21.54
CA LYS B 261 1.64 19.47 -21.76
C LYS B 261 2.10 18.65 -20.53
N CYS B 262 1.76 19.11 -19.33
CA CYS B 262 1.98 18.34 -18.12
C CYS B 262 0.93 17.23 -17.93
N LEU B 263 -0.26 17.44 -18.50
CA LEU B 263 -1.42 16.57 -18.22
C LEU B 263 -1.73 15.59 -19.35
N ILE B 264 -0.80 15.44 -20.29
CA ILE B 264 -0.89 14.43 -21.33
C ILE B 264 -0.79 13.08 -20.63
N LYS B 265 -1.81 12.24 -20.80
CA LYS B 265 -1.91 10.99 -20.04
C LYS B 265 -0.79 10.00 -20.36
N ASN B 266 -0.31 10.05 -21.61
CA ASN B 266 0.85 9.27 -22.06
C ASN B 266 2.14 9.92 -21.57
N PRO B 267 2.88 9.25 -20.66
CA PRO B 267 4.07 9.85 -20.06
C PRO B 267 5.24 10.08 -21.05
N ALA B 268 5.24 9.35 -22.17
CA ALA B 268 6.24 9.52 -23.25
C ALA B 268 5.96 10.76 -24.13
N GLU B 269 4.70 11.15 -24.21
CA GLU B 269 4.33 12.34 -24.95
C GLU B 269 4.28 13.60 -24.05
N ARG B 270 4.05 13.38 -22.75
CA ARG B 270 4.03 14.45 -21.74
C ARG B 270 5.37 15.18 -21.71
N ALA B 271 5.32 16.49 -21.53
CA ALA B 271 6.52 17.35 -21.43
C ALA B 271 7.45 16.89 -20.31
N ASP B 272 8.76 17.02 -20.51
CA ASP B 272 9.73 16.69 -19.48
C ASP B 272 10.32 17.97 -18.88
N LEU B 273 11.11 17.84 -17.81
CA LEU B 273 11.65 19.02 -17.12
C LEU B 273 12.40 20.01 -18.03
N LYS B 274 13.30 19.48 -18.86
CA LYS B 274 14.06 20.30 -19.80
C LYS B 274 13.14 21.06 -20.77
N GLN B 275 12.14 20.35 -21.31
CA GLN B 275 11.13 20.95 -22.19
C GLN B 275 10.33 22.09 -21.56
N LEU B 276 9.88 21.86 -20.33
CA LEU B 276 9.05 22.83 -19.60
C LEU B 276 9.83 24.08 -19.23
N MET B 277 11.09 23.89 -18.87
CA MET B 277 11.94 25.02 -18.43
C MET B 277 12.17 26.03 -19.55
N VAL B 278 12.10 25.57 -20.80
CA VAL B 278 12.22 26.45 -21.98
C VAL B 278 10.87 26.75 -22.62
N HIS B 279 9.80 26.30 -21.98
CA HIS B 279 8.43 26.58 -22.46
C HIS B 279 8.10 28.08 -22.38
N ALA B 280 7.27 28.54 -23.34
CA ALA B 280 6.94 29.96 -23.47
C ALA B 280 6.24 30.57 -22.24
N PHE B 281 5.60 29.74 -21.43
CA PHE B 281 5.01 30.19 -20.16
C PHE B 281 6.11 30.49 -19.14
N ILE B 282 7.11 29.62 -19.10
CA ILE B 282 8.23 29.74 -18.16
C ILE B 282 9.17 30.88 -18.59
N LYS B 283 9.45 30.93 -19.89
CA LYS B 283 10.15 32.04 -20.54
C LYS B 283 9.56 33.39 -20.12
N ARG B 284 8.25 33.55 -20.35
CA ARG B 284 7.54 34.79 -20.04
C ARG B 284 7.54 35.13 -18.55
N SER B 285 7.24 34.13 -17.71
CA SER B 285 7.13 34.33 -16.27
C SER B 285 8.47 34.66 -15.59
N ASP B 286 9.55 34.13 -16.15
CA ASP B 286 10.91 34.31 -15.63
C ASP B 286 11.39 35.74 -15.83
N ALA B 287 10.88 36.38 -16.88
CA ALA B 287 11.22 37.77 -17.21
C ALA B 287 10.30 38.77 -16.51
N GLU B 288 9.25 38.27 -15.86
CA GLU B 288 8.25 39.11 -15.21
C GLU B 288 8.66 39.44 -13.79
N GLU B 289 8.77 40.73 -13.51
CA GLU B 289 8.96 41.18 -12.15
C GLU B 289 7.61 41.10 -11.45
N VAL B 290 7.46 40.03 -10.67
CA VAL B 290 6.26 39.78 -9.88
C VAL B 290 6.68 39.76 -8.42
N ASP B 291 6.12 40.66 -7.63
CA ASP B 291 6.38 40.67 -6.20
C ASP B 291 5.52 39.57 -5.57
N PHE B 292 6.06 38.36 -5.57
CA PHE B 292 5.37 37.20 -5.00
C PHE B 292 5.26 37.32 -3.49
N ALA B 293 6.36 37.72 -2.85
CA ALA B 293 6.41 37.92 -1.40
C ALA B 293 5.33 38.89 -0.91
N GLY B 294 5.23 40.03 -1.59
CA GLY B 294 4.19 41.02 -1.31
C GLY B 294 2.80 40.46 -1.51
N TRP B 295 2.57 39.77 -2.62
CA TRP B 295 1.31 39.06 -2.84
C TRP B 295 0.98 38.16 -1.67
N LEU B 296 1.91 37.29 -1.30
CA LEU B 296 1.72 36.31 -0.23
C LEU B 296 1.43 36.95 1.12
N CYS B 297 2.28 37.88 1.52
CA CYS B 297 2.12 38.57 2.81
C CYS B 297 0.86 39.42 2.85
N SER B 298 0.56 40.04 1.70
CA SER B 298 -0.66 40.80 1.50
C SER B 298 -1.90 39.92 1.63
N THR B 299 -1.89 38.72 1.02
CA THR B 299 -3.08 37.86 1.06
C THR B 299 -3.26 37.06 2.34
N ILE B 300 -2.19 36.59 2.97
CA ILE B 300 -2.33 35.89 4.27
C ILE B 300 -2.50 36.89 5.41
N GLY B 301 -1.85 38.05 5.27
CA GLY B 301 -1.84 39.06 6.31
C GLY B 301 -0.81 38.72 7.39
N LEU B 302 -0.55 39.69 8.26
CA LEU B 302 0.44 39.53 9.32
C LEU B 302 -0.21 39.26 10.68
N ASN B 303 0.47 38.46 11.51
CA ASN B 303 0.10 38.29 12.91
C ASN B 303 -0.23 39.64 13.54
N GLN B 304 -1.44 39.79 14.07
CA GLN B 304 -1.76 40.97 14.87
C GLN B 304 -2.45 40.60 16.18
#